data_1AK0
#
_entry.id   1AK0
#
_cell.length_a   41.980
_cell.length_b   74.040
_cell.length_c   102.130
_cell.angle_alpha   90.00
_cell.angle_beta   90.00
_cell.angle_gamma   90.00
#
_symmetry.space_group_name_H-M   'P 21 21 21'
#
loop_
_entity.id
_entity.type
_entity.pdbx_description
1 polymer 'P1 NUCLEASE'
2 branched 2-acetamido-2-deoxy-beta-D-glucopyranose-(1-4)-2-acetamido-2-deoxy-beta-D-glucopyranose
3 non-polymer 2-acetamido-2-deoxy-beta-D-glucopyranose
4 non-polymer 'ZINC ION'
5 non-polymer "ADENOSINE-5'-(DITHIO)PHOSPHATE"
6 non-polymer "THYMIDINE-5'-(DITHIO)PHOSPHATE"
7 water water
#
_entity_poly.entity_id   1
_entity_poly.type   'polypeptide(L)'
_entity_poly.pdbx_seq_one_letter_code
;WGALGHATVAYVAQHYVSPEAASWAQGILGSSSSSYLASIASWADEYRLTSAGKWSASLHFIDAEDNPPTNCNVDYERDC
GSSGCSISAIANYTQRVSDSSLSSENHAEALRFLVHFIGDMTQPLHDEAYAVGGNKINVTFDGYHDNLHSDWDTYMPQKL
IGGHALSDAESWAKTLVQNIESGNYTAQAIGWIKGDNISEPITTATRWASDANALVCTVVMPHGAAALQTGDLYPTYYDS
VIDTIELQIAKGGYRLANWINEIHGSEIAK
;
_entity_poly.pdbx_strand_id   A
#
# COMPACT_ATOMS: atom_id res chain seq x y z
N TRP A 1 2.48 -4.89 -0.54
CA TRP A 1 3.69 -5.01 0.34
C TRP A 1 3.53 -6.16 1.30
N GLY A 2 4.69 -6.62 1.75
CA GLY A 2 4.81 -7.68 2.74
C GLY A 2 4.79 -7.00 4.11
N ALA A 3 5.21 -7.72 5.15
CA ALA A 3 5.21 -7.25 6.53
C ALA A 3 5.96 -5.95 6.85
N LEU A 4 7.22 -5.86 6.42
CA LEU A 4 8.01 -4.66 6.65
C LEU A 4 7.32 -3.42 6.04
N GLY A 5 6.87 -3.56 4.79
CA GLY A 5 6.22 -2.45 4.12
C GLY A 5 4.99 -1.95 4.85
N HIS A 6 4.12 -2.89 5.26
CA HIS A 6 2.90 -2.50 5.96
C HIS A 6 3.09 -1.80 7.29
N ALA A 7 4.04 -2.30 8.08
CA ALA A 7 4.36 -1.75 9.39
C ALA A 7 4.93 -0.34 9.20
N THR A 8 5.80 -0.18 8.21
CA THR A 8 6.42 1.11 7.91
C THR A 8 5.37 2.15 7.55
N VAL A 9 4.48 1.83 6.62
CA VAL A 9 3.42 2.76 6.23
C VAL A 9 2.66 3.21 7.49
N ALA A 10 2.39 2.25 8.40
CA ALA A 10 1.67 2.53 9.63
C ALA A 10 2.42 3.46 10.59
N TYR A 11 3.71 3.21 10.80
CA TYR A 11 4.53 4.07 11.66
C TYR A 11 4.60 5.50 11.10
N VAL A 12 4.70 5.63 9.78
CA VAL A 12 4.73 6.96 9.14
C VAL A 12 3.39 7.65 9.43
N ALA A 13 2.28 6.91 9.31
CA ALA A 13 0.96 7.48 9.57
C ALA A 13 0.82 7.94 11.01
N GLN A 14 1.30 7.12 11.94
CA GLN A 14 1.22 7.43 13.36
C GLN A 14 1.86 8.80 13.67
N HIS A 15 2.90 9.14 12.94
CA HIS A 15 3.58 10.41 13.14
C HIS A 15 2.76 11.64 12.74
N TYR A 16 1.92 11.47 11.72
CA TYR A 16 1.15 12.58 11.17
C TYR A 16 -0.31 12.73 11.56
N VAL A 17 -0.81 11.83 12.39
CA VAL A 17 -2.20 11.93 12.84
C VAL A 17 -2.30 12.96 13.96
N SER A 18 -3.38 13.72 14.01
CA SER A 18 -3.52 14.74 15.05
C SER A 18 -3.64 14.03 16.39
N PRO A 19 -3.29 14.73 17.50
CA PRO A 19 -3.41 14.06 18.79
C PRO A 19 -4.82 13.54 19.10
N GLU A 20 -5.85 14.27 18.70
CA GLU A 20 -7.26 13.93 18.89
C GLU A 20 -7.63 12.68 18.09
N ALA A 21 -7.25 12.65 16.80
CA ALA A 21 -7.47 11.52 15.88
C ALA A 21 -6.75 10.27 16.42
N ALA A 22 -5.60 10.48 17.06
CA ALA A 22 -4.85 9.36 17.55
C ALA A 22 -5.50 8.81 18.83
N SER A 23 -6.28 9.63 19.54
CA SER A 23 -6.94 9.01 20.62
C SER A 23 -8.22 8.25 20.19
N TRP A 24 -8.99 8.76 19.23
CA TRP A 24 -10.16 8.04 18.62
C TRP A 24 -9.70 6.70 17.97
N ALA A 25 -8.59 6.67 17.27
CA ALA A 25 -8.17 5.37 16.67
C ALA A 25 -7.73 4.33 17.70
N GLN A 26 -7.04 4.79 18.73
CA GLN A 26 -6.60 3.99 19.89
C GLN A 26 -7.82 3.50 20.66
N GLY A 27 -8.89 4.30 20.73
CA GLY A 27 -10.06 3.84 21.45
C GLY A 27 -10.71 2.76 20.60
N ILE A 28 -10.87 3.06 19.33
CA ILE A 28 -11.50 2.12 18.42
C ILE A 28 -10.73 0.78 18.35
N LEU A 29 -9.40 0.83 18.41
CA LEU A 29 -8.55 -0.37 18.33
C LEU A 29 -8.31 -1.03 19.68
N GLY A 30 -8.74 -0.35 20.73
CA GLY A 30 -8.56 -0.89 22.05
C GLY A 30 -7.11 -1.02 22.46
N SER A 31 -6.22 -0.26 21.83
CA SER A 31 -4.80 -0.29 22.19
C SER A 31 -4.20 1.10 22.18
N SER A 32 -3.50 1.45 23.26
CA SER A 32 -2.87 2.76 23.39
C SER A 32 -1.37 2.65 23.23
N SER A 33 -0.93 1.53 22.64
CA SER A 33 0.47 1.30 22.48
C SER A 33 1.17 2.21 21.49
N SER A 34 2.50 2.11 21.49
CA SER A 34 3.30 2.88 20.58
C SER A 34 3.23 2.32 19.17
N SER A 35 2.68 1.12 19.04
CA SER A 35 2.56 0.46 17.76
C SER A 35 1.09 0.23 17.50
N TYR A 36 0.24 1.11 18.01
CA TYR A 36 -1.19 0.91 17.86
C TYR A 36 -1.67 0.64 16.43
N LEU A 37 -1.07 1.30 15.43
CA LEU A 37 -1.47 1.04 14.04
C LEU A 37 -0.56 -0.01 13.40
N ALA A 38 0.74 0.11 13.66
CA ALA A 38 1.73 -0.80 13.08
C ALA A 38 1.52 -2.28 13.38
N SER A 39 1.10 -2.59 14.60
CA SER A 39 0.91 -3.97 15.03
C SER A 39 -0.23 -4.69 14.32
N ILE A 40 -1.16 -3.95 13.74
CA ILE A 40 -2.28 -4.57 13.06
C ILE A 40 -2.28 -4.29 11.55
N ALA A 41 -1.19 -3.73 11.05
CA ALA A 41 -1.07 -3.39 9.63
C ALA A 41 -1.14 -4.59 8.66
N SER A 42 -0.79 -5.79 9.14
CA SER A 42 -0.84 -6.98 8.31
C SER A 42 -2.00 -7.92 8.65
N TRP A 43 -2.90 -7.51 9.54
CA TRP A 43 -4.03 -8.37 9.91
C TRP A 43 -4.86 -8.85 8.72
N ALA A 44 -5.15 -7.97 7.77
CA ALA A 44 -5.95 -8.35 6.61
C ALA A 44 -5.32 -9.48 5.80
N ASP A 45 -4.00 -9.59 5.80
CA ASP A 45 -3.36 -10.66 5.06
C ASP A 45 -3.57 -11.97 5.79
N GLU A 46 -3.50 -11.94 7.12
CA GLU A 46 -3.68 -13.14 7.94
C GLU A 46 -5.11 -13.61 7.82
N TYR A 47 -6.03 -12.66 7.78
CA TYR A 47 -7.43 -12.96 7.67
C TYR A 47 -7.79 -13.68 6.39
N ARG A 48 -7.21 -13.28 5.27
CA ARG A 48 -7.56 -13.93 4.02
C ARG A 48 -7.06 -15.37 3.97
N LEU A 49 -6.18 -15.73 4.90
CA LEU A 49 -5.68 -17.10 4.94
C LEU A 49 -6.64 -18.04 5.69
N THR A 50 -7.79 -17.52 6.13
CA THR A 50 -8.77 -18.32 6.85
C THR A 50 -10.00 -18.55 5.98
N SER A 51 -10.75 -19.60 6.27
CA SER A 51 -11.96 -19.89 5.53
C SER A 51 -12.93 -18.73 5.67
N ALA A 52 -12.98 -18.16 6.87
CA ALA A 52 -13.86 -17.02 7.12
C ALA A 52 -13.45 -15.82 6.26
N GLY A 53 -12.14 -15.66 6.05
CA GLY A 53 -11.66 -14.53 5.28
C GLY A 53 -11.40 -14.66 3.80
N LYS A 54 -11.41 -15.87 3.25
CA LYS A 54 -11.13 -16.08 1.82
C LYS A 54 -11.84 -15.13 0.87
N TRP A 55 -13.06 -14.75 1.20
CA TRP A 55 -13.83 -13.86 0.34
C TRP A 55 -13.15 -12.51 0.08
N SER A 56 -12.33 -12.06 1.03
CA SER A 56 -11.65 -10.75 0.97
C SER A 56 -10.37 -10.65 0.16
N ALA A 57 -9.91 -11.76 -0.41
CA ALA A 57 -8.68 -11.75 -1.19
C ALA A 57 -8.68 -10.72 -2.31
N SER A 58 -9.79 -10.60 -3.03
CA SER A 58 -9.85 -9.66 -4.15
C SER A 58 -9.80 -8.18 -3.78
N LEU A 59 -9.95 -7.86 -2.50
CA LEU A 59 -9.96 -6.46 -2.08
C LEU A 59 -8.57 -5.84 -2.01
N HIS A 60 -7.55 -6.68 -2.02
CA HIS A 60 -6.19 -6.18 -1.92
C HIS A 60 -5.61 -5.55 -3.18
N PHE A 61 -6.34 -5.59 -4.29
CA PHE A 61 -5.78 -5.06 -5.52
C PHE A 61 -6.84 -4.67 -6.53
N ILE A 62 -6.39 -4.09 -7.64
CA ILE A 62 -7.29 -3.77 -8.73
C ILE A 62 -6.56 -4.19 -10.02
N ASP A 63 -7.12 -5.17 -10.72
CA ASP A 63 -6.50 -5.67 -11.95
C ASP A 63 -6.75 -4.76 -13.14
N ALA A 64 -5.99 -3.67 -13.24
CA ALA A 64 -6.16 -2.75 -14.37
C ALA A 64 -5.90 -3.50 -15.68
N GLU A 65 -6.88 -3.49 -16.59
CA GLU A 65 -6.75 -4.18 -17.85
C GLU A 65 -6.20 -3.26 -18.93
N ASP A 66 -4.92 -2.90 -18.80
CA ASP A 66 -4.27 -2.03 -19.75
C ASP A 66 -3.23 -2.77 -20.58
N ASN A 67 -2.28 -2.04 -21.17
CA ASN A 67 -1.28 -2.68 -22.04
C ASN A 67 0.14 -2.22 -21.79
N PRO A 68 0.73 -2.63 -20.65
CA PRO A 68 2.11 -2.20 -20.35
C PRO A 68 3.12 -2.85 -21.31
N PRO A 69 4.25 -2.17 -21.60
CA PRO A 69 4.63 -0.85 -21.07
C PRO A 69 4.16 0.28 -21.97
N THR A 70 3.42 -0.06 -23.03
CA THR A 70 2.94 0.94 -23.98
C THR A 70 1.89 1.89 -23.42
N ASN A 71 0.91 1.31 -22.76
CA ASN A 71 -0.21 2.07 -22.21
C ASN A 71 -0.65 1.58 -20.83
N CYS A 72 -0.53 2.45 -19.85
CA CYS A 72 -0.95 2.15 -18.49
C CYS A 72 -2.11 3.05 -18.11
N ASN A 73 -3.22 2.47 -17.71
CA ASN A 73 -4.37 3.27 -17.28
C ASN A 73 -5.32 2.44 -16.42
N VAL A 74 -6.01 3.14 -15.53
CA VAL A 74 -6.95 2.52 -14.61
C VAL A 74 -8.35 3.05 -14.90
N ASP A 75 -9.34 2.18 -14.85
CA ASP A 75 -10.72 2.60 -15.09
C ASP A 75 -11.56 1.83 -14.10
N TYR A 76 -12.16 2.54 -13.15
CA TYR A 76 -12.95 1.91 -12.10
C TYR A 76 -13.98 0.88 -12.54
N GLU A 77 -14.88 1.28 -13.45
CA GLU A 77 -15.91 0.34 -13.88
C GLU A 77 -15.41 -0.81 -14.75
N ARG A 78 -14.38 -0.54 -15.54
CA ARG A 78 -13.79 -1.56 -16.39
C ARG A 78 -12.99 -2.60 -15.60
N ASP A 79 -12.23 -2.11 -14.62
CA ASP A 79 -11.34 -2.96 -13.84
C ASP A 79 -11.68 -3.51 -12.47
N CYS A 80 -12.62 -2.91 -11.76
CA CYS A 80 -12.86 -3.36 -10.38
C CYS A 80 -13.35 -4.82 -10.28
N GLY A 81 -14.41 -5.14 -11.07
CA GLY A 81 -14.97 -6.47 -11.11
C GLY A 81 -16.10 -6.79 -10.15
N SER A 82 -16.68 -7.97 -10.37
CA SER A 82 -17.84 -8.46 -9.62
C SER A 82 -17.63 -8.74 -8.14
N SER A 83 -16.43 -9.13 -7.76
CA SER A 83 -16.19 -9.44 -6.37
C SER A 83 -15.51 -8.32 -5.59
N GLY A 84 -15.52 -7.11 -6.14
CA GLY A 84 -14.88 -6.01 -5.45
C GLY A 84 -13.38 -5.91 -5.71
N CYS A 85 -12.83 -4.75 -5.34
CA CYS A 85 -11.42 -4.44 -5.53
C CYS A 85 -10.99 -3.42 -4.46
N SER A 86 -9.71 -3.03 -4.45
CA SER A 86 -9.22 -2.11 -3.45
C SER A 86 -10.01 -0.80 -3.39
N ILE A 87 -10.41 -0.27 -4.54
CA ILE A 87 -11.16 0.99 -4.58
C ILE A 87 -12.52 0.89 -3.90
N SER A 88 -13.28 -0.15 -4.24
CA SER A 88 -14.59 -0.32 -3.64
C SER A 88 -14.43 -0.62 -2.16
N ALA A 89 -13.36 -1.29 -1.78
CA ALA A 89 -13.15 -1.58 -0.37
C ALA A 89 -12.86 -0.30 0.43
N ILE A 90 -12.18 0.68 -0.19
CA ILE A 90 -11.86 1.94 0.51
C ILE A 90 -13.19 2.67 0.80
N ALA A 91 -14.09 2.66 -0.18
CA ALA A 91 -15.38 3.30 -0.04
C ALA A 91 -16.23 2.58 1.04
N ASN A 92 -16.26 1.25 1.00
CA ASN A 92 -17.03 0.47 1.97
C ASN A 92 -16.61 0.77 3.40
N TYR A 93 -15.33 0.60 3.71
CA TYR A 93 -14.88 0.80 5.05
C TYR A 93 -14.70 2.23 5.55
N THR A 94 -14.61 3.21 4.66
CA THR A 94 -14.47 4.60 5.12
C THR A 94 -15.84 4.95 5.73
N GLN A 95 -16.86 4.45 5.05
CA GLN A 95 -18.19 4.66 5.50
C GLN A 95 -18.53 3.89 6.75
N ARG A 96 -18.01 2.66 6.89
CA ARG A 96 -18.30 1.84 8.06
C ARG A 96 -17.62 2.21 9.39
N VAL A 97 -16.43 2.79 9.35
CA VAL A 97 -15.76 3.18 10.59
C VAL A 97 -16.54 4.25 11.32
N SER A 98 -17.21 5.11 10.57
CA SER A 98 -17.94 6.21 11.15
C SER A 98 -19.45 5.99 11.10
N ASP A 99 -19.86 4.76 10.92
CA ASP A 99 -21.28 4.55 10.95
C ASP A 99 -21.73 4.30 12.42
N SER A 100 -22.61 5.14 12.99
CA SER A 100 -23.12 4.97 14.38
C SER A 100 -24.00 3.72 14.71
N SER A 101 -24.69 3.14 13.71
CA SER A 101 -25.50 1.94 13.84
C SER A 101 -24.67 0.63 13.97
N LEU A 102 -23.41 0.67 13.54
CA LEU A 102 -22.56 -0.52 13.60
C LEU A 102 -21.94 -0.72 14.95
N SER A 103 -21.41 -1.91 15.20
CA SER A 103 -20.79 -2.21 16.47
C SER A 103 -19.35 -1.74 16.57
N SER A 104 -18.84 -1.78 17.79
CA SER A 104 -17.47 -1.38 18.08
C SER A 104 -16.52 -2.26 17.30
N GLU A 105 -16.69 -3.58 17.40
CA GLU A 105 -15.78 -4.35 16.62
C GLU A 105 -16.00 -4.34 15.10
N ASN A 106 -17.08 -3.71 14.63
CA ASN A 106 -17.31 -3.57 13.20
C ASN A 106 -16.37 -2.39 12.82
N HIS A 107 -16.31 -1.40 13.72
CA HIS A 107 -15.46 -0.23 13.54
C HIS A 107 -13.99 -0.64 13.54
N ALA A 108 -13.59 -1.47 14.51
CA ALA A 108 -12.21 -1.95 14.58
C ALA A 108 -11.82 -2.70 13.30
N GLU A 109 -12.73 -3.52 12.79
CA GLU A 109 -12.44 -4.24 11.57
C GLU A 109 -12.23 -3.25 10.41
N ALA A 110 -13.12 -2.28 10.26
CA ALA A 110 -13.00 -1.28 9.19
C ALA A 110 -11.69 -0.49 9.21
N LEU A 111 -11.27 -0.08 10.40
CA LEU A 111 -10.03 0.67 10.57
C LEU A 111 -8.85 -0.21 10.20
N ARG A 112 -8.84 -1.45 10.70
CA ARG A 112 -7.76 -2.37 10.38
C ARG A 112 -7.66 -2.59 8.86
N PHE A 113 -8.80 -2.64 8.17
CA PHE A 113 -8.83 -2.82 6.73
C PHE A 113 -8.28 -1.58 6.02
N LEU A 114 -8.67 -0.41 6.49
CA LEU A 114 -8.20 0.84 5.90
C LEU A 114 -6.68 0.99 6.03
N VAL A 115 -6.14 0.67 7.21
CA VAL A 115 -4.71 0.79 7.44
C VAL A 115 -3.94 -0.03 6.40
N HIS A 116 -4.48 -1.21 6.11
CA HIS A 116 -3.86 -2.12 5.17
C HIS A 116 -3.95 -1.77 3.69
N PHE A 117 -5.18 -1.53 3.24
CA PHE A 117 -5.46 -1.24 1.85
C PHE A 117 -4.90 0.08 1.35
N ILE A 118 -4.80 1.09 2.20
CA ILE A 118 -4.24 2.36 1.76
C ILE A 118 -2.76 2.17 1.42
N GLY A 119 -2.13 1.21 2.10
CA GLY A 119 -0.74 0.86 1.84
C GLY A 119 -0.63 -0.01 0.58
N ASP A 120 -1.41 -1.09 0.50
CA ASP A 120 -1.39 -1.98 -0.68
C ASP A 120 -1.56 -1.23 -1.99
N MET A 121 -2.42 -0.21 -2.02
CA MET A 121 -2.65 0.54 -3.25
C MET A 121 -1.42 1.21 -3.84
N THR A 122 -0.39 1.49 -3.04
CA THR A 122 0.80 2.17 -3.58
C THR A 122 1.80 1.23 -4.23
N GLN A 123 1.63 -0.09 -4.06
CA GLN A 123 2.51 -1.08 -4.68
C GLN A 123 1.95 -1.17 -6.10
N PRO A 124 2.74 -0.75 -7.10
CA PRO A 124 2.33 -0.75 -8.50
C PRO A 124 1.73 -2.05 -9.05
N LEU A 125 2.28 -3.20 -8.66
CA LEU A 125 1.78 -4.47 -9.16
C LEU A 125 0.41 -4.83 -8.55
N HIS A 126 -0.03 -4.05 -7.57
CA HIS A 126 -1.37 -4.22 -6.98
C HIS A 126 -2.41 -3.43 -7.75
N ASP A 127 -1.98 -2.78 -8.84
CA ASP A 127 -2.87 -1.98 -9.67
C ASP A 127 -2.65 -2.36 -11.12
N GLU A 128 -2.43 -3.65 -11.36
CA GLU A 128 -2.14 -4.11 -12.71
C GLU A 128 -2.52 -5.58 -12.89
N ALA A 129 -3.21 -5.88 -13.99
CA ALA A 129 -3.62 -7.27 -14.30
C ALA A 129 -2.51 -8.19 -14.83
N TYR A 130 -1.63 -7.65 -15.65
CA TYR A 130 -0.55 -8.40 -16.30
C TYR A 130 0.14 -9.51 -15.49
N ALA A 131 0.15 -10.72 -16.07
CA ALA A 131 0.76 -11.89 -15.45
C ALA A 131 0.31 -12.10 -14.02
N VAL A 132 -0.97 -11.84 -13.75
CA VAL A 132 -1.54 -11.97 -12.41
C VAL A 132 -0.76 -11.03 -11.46
N GLY A 133 -0.79 -9.73 -11.76
CA GLY A 133 -0.08 -8.76 -10.92
C GLY A 133 1.41 -9.03 -10.82
N GLY A 134 1.99 -9.62 -11.87
CA GLY A 134 3.41 -9.94 -11.86
C GLY A 134 3.77 -11.24 -11.17
N ASN A 135 2.80 -11.94 -10.55
CA ASN A 135 3.13 -13.21 -9.88
C ASN A 135 3.67 -14.28 -10.84
N LYS A 136 3.23 -14.23 -12.10
CA LYS A 136 3.68 -15.21 -13.08
C LYS A 136 5.02 -14.87 -13.74
N ILE A 137 5.62 -13.75 -13.38
CA ILE A 137 6.90 -13.37 -13.97
C ILE A 137 8.03 -13.90 -13.12
N ASN A 138 8.53 -15.08 -13.47
CA ASN A 138 9.59 -15.70 -12.72
C ASN A 138 10.93 -15.03 -13.05
N VAL A 139 11.67 -14.65 -12.02
CA VAL A 139 12.95 -13.95 -12.18
C VAL A 139 14.01 -14.41 -11.17
N THR A 140 15.25 -13.94 -11.34
CA THR A 140 16.32 -14.26 -10.40
C THR A 140 16.74 -12.98 -9.68
N PHE A 141 16.67 -12.98 -8.36
CA PHE A 141 17.07 -11.83 -7.58
C PHE A 141 18.02 -12.24 -6.49
N ASP A 142 19.25 -11.71 -6.55
CA ASP A 142 20.24 -11.97 -5.52
C ASP A 142 20.53 -13.47 -5.40
N GLY A 143 20.40 -14.17 -6.52
CA GLY A 143 20.66 -15.60 -6.52
C GLY A 143 19.45 -16.50 -6.27
N TYR A 144 18.33 -15.92 -5.86
CA TYR A 144 17.14 -16.70 -5.59
C TYR A 144 16.13 -16.67 -6.73
N HIS A 145 15.29 -17.69 -6.77
CA HIS A 145 14.26 -17.79 -7.78
C HIS A 145 12.97 -17.29 -7.20
N ASP A 146 12.69 -16.01 -7.47
CA ASP A 146 11.50 -15.34 -6.99
C ASP A 146 10.61 -15.04 -8.18
N ASN A 147 9.57 -14.24 -7.95
CA ASN A 147 8.71 -13.76 -9.02
C ASN A 147 8.69 -12.24 -8.83
N LEU A 148 8.39 -11.49 -9.88
CA LEU A 148 8.41 -10.03 -9.81
C LEU A 148 7.61 -9.48 -8.64
N HIS A 149 6.42 -10.01 -8.42
CA HIS A 149 5.56 -9.55 -7.36
C HIS A 149 6.16 -9.64 -5.97
N SER A 150 6.70 -10.79 -5.63
CA SER A 150 7.28 -10.97 -4.30
C SER A 150 8.54 -10.13 -4.10
N ASP A 151 9.23 -9.81 -5.19
CA ASP A 151 10.41 -8.97 -5.09
C ASP A 151 9.99 -7.57 -4.70
N TRP A 152 8.91 -7.06 -5.30
CA TRP A 152 8.41 -5.73 -4.97
C TRP A 152 7.75 -5.69 -3.58
N ASP A 153 6.99 -6.72 -3.25
CA ASP A 153 6.31 -6.76 -1.94
C ASP A 153 7.28 -6.92 -0.77
N THR A 154 8.18 -7.88 -0.94
CA THR A 154 9.08 -8.30 0.12
C THR A 154 10.60 -8.26 0.02
N TYR A 155 11.16 -8.98 -0.96
CA TYR A 155 12.60 -9.08 -1.08
C TYR A 155 13.45 -7.85 -1.35
N MET A 156 12.96 -6.93 -2.18
CA MET A 156 13.73 -5.72 -2.42
C MET A 156 13.67 -4.83 -1.16
N PRO A 157 12.47 -4.65 -0.55
CA PRO A 157 12.38 -3.83 0.66
C PRO A 157 13.26 -4.40 1.78
N GLN A 158 13.27 -5.72 1.94
CA GLN A 158 14.11 -6.33 2.97
C GLN A 158 15.59 -6.27 2.60
N LYS A 159 15.90 -6.19 1.32
CA LYS A 159 17.31 -6.10 0.91
C LYS A 159 17.82 -4.74 1.38
N LEU A 160 17.00 -3.72 1.20
CA LEU A 160 17.33 -2.37 1.61
C LEU A 160 17.50 -2.20 3.11
N ILE A 161 16.50 -2.64 3.88
CA ILE A 161 16.48 -2.50 5.34
C ILE A 161 17.16 -3.58 6.19
N GLY A 162 17.10 -4.83 5.75
CA GLY A 162 17.74 -5.90 6.49
C GLY A 162 16.94 -6.76 7.45
N GLY A 163 15.62 -6.64 7.46
CA GLY A 163 14.82 -7.46 8.35
C GLY A 163 13.38 -7.02 8.27
N HIS A 164 12.46 -7.75 8.90
CA HIS A 164 11.06 -7.38 8.85
C HIS A 164 10.40 -7.27 10.23
N ALA A 165 11.20 -7.11 11.26
CA ALA A 165 10.67 -6.97 12.61
C ALA A 165 10.10 -5.56 12.76
N LEU A 166 9.25 -5.35 13.76
CA LEU A 166 8.66 -4.04 13.99
C LEU A 166 9.72 -3.00 14.20
N SER A 167 10.84 -3.40 14.80
CA SER A 167 11.94 -2.46 15.02
C SER A 167 12.56 -1.99 13.70
N ASP A 168 12.57 -2.87 12.69
CA ASP A 168 13.10 -2.50 11.38
C ASP A 168 12.17 -1.52 10.70
N ALA A 169 10.88 -1.76 10.83
CA ALA A 169 9.91 -0.86 10.22
C ALA A 169 9.97 0.48 10.93
N GLU A 170 10.17 0.47 12.25
CA GLU A 170 10.23 1.71 13.00
C GLU A 170 11.40 2.58 12.53
N SER A 171 12.57 1.98 12.30
CA SER A 171 13.72 2.77 11.85
C SER A 171 13.58 3.26 10.42
N TRP A 172 12.93 2.48 9.57
CA TRP A 172 12.74 2.91 8.18
C TRP A 172 11.79 4.11 8.19
N ALA A 173 10.73 4.02 8.98
CA ALA A 173 9.75 5.11 9.06
C ALA A 173 10.41 6.40 9.55
N LYS A 174 11.38 6.28 10.45
CA LYS A 174 12.09 7.44 10.98
C LYS A 174 12.80 8.25 9.88
N THR A 175 13.46 7.55 8.97
CA THR A 175 14.18 8.23 7.89
C THR A 175 13.18 8.83 6.92
N LEU A 176 12.09 8.12 6.69
CA LEU A 176 11.07 8.60 5.77
C LEU A 176 10.44 9.88 6.32
N VAL A 177 10.13 9.88 7.62
CA VAL A 177 9.54 11.06 8.27
C VAL A 177 10.49 12.24 8.15
N GLN A 178 11.78 12.00 8.44
CA GLN A 178 12.80 13.07 8.32
C GLN A 178 12.73 13.70 6.93
N ASN A 179 12.67 12.86 5.91
CA ASN A 179 12.60 13.34 4.55
C ASN A 179 11.35 14.11 4.17
N ILE A 180 10.22 13.77 4.78
CA ILE A 180 8.97 14.46 4.47
C ILE A 180 8.91 15.84 5.18
N GLU A 181 9.38 15.88 6.41
CA GLU A 181 9.36 17.11 7.20
C GLU A 181 10.52 18.06 6.98
N SER A 182 11.69 17.49 6.73
CA SER A 182 12.90 18.26 6.55
C SER A 182 13.85 17.56 5.59
N GLY A 183 13.42 17.33 4.37
CA GLY A 183 14.31 16.66 3.44
C GLY A 183 13.86 16.66 2.01
N ASN A 184 14.22 15.58 1.31
CA ASN A 184 13.92 15.40 -0.10
C ASN A 184 12.47 15.32 -0.52
N TYR A 185 11.58 14.94 0.40
CA TYR A 185 10.17 14.85 0.04
C TYR A 185 9.33 16.05 0.42
N THR A 186 9.88 16.93 1.25
CA THR A 186 9.16 18.10 1.75
C THR A 186 8.36 18.83 0.69
N ALA A 187 9.00 19.12 -0.42
CA ALA A 187 8.33 19.85 -1.48
C ALA A 187 7.23 19.06 -2.20
N GLN A 188 7.33 17.73 -2.21
CA GLN A 188 6.40 16.79 -2.86
C GLN A 188 5.18 16.38 -2.03
N ALA A 189 5.42 16.15 -0.74
CA ALA A 189 4.40 15.71 0.21
C ALA A 189 2.98 16.25 0.04
N ILE A 190 2.81 17.56 -0.12
CA ILE A 190 1.46 18.09 -0.26
C ILE A 190 0.73 17.56 -1.48
N GLY A 191 1.48 17.24 -2.53
CA GLY A 191 0.86 16.74 -3.74
C GLY A 191 0.32 15.31 -3.61
N TRP A 192 0.86 14.56 -2.64
CA TRP A 192 0.42 13.19 -2.40
C TRP A 192 -1.03 13.12 -1.91
N ILE A 193 -1.49 14.16 -1.21
CA ILE A 193 -2.86 14.15 -0.68
C ILE A 193 -3.73 15.22 -1.27
N LYS A 194 -3.21 15.94 -2.25
CA LYS A 194 -3.97 17.02 -2.85
C LYS A 194 -5.25 16.53 -3.47
N GLY A 195 -6.37 17.02 -2.96
CA GLY A 195 -7.67 16.64 -3.49
C GLY A 195 -8.37 15.51 -2.76
N ASP A 196 -7.64 14.73 -1.97
CA ASP A 196 -8.21 13.60 -1.23
C ASP A 196 -9.38 14.10 -0.38
N ASN A 197 -10.54 13.45 -0.49
CA ASN A 197 -11.74 13.89 0.24
C ASN A 197 -12.53 12.67 0.66
N ILE A 198 -12.71 12.45 1.96
CA ILE A 198 -13.46 11.28 2.40
C ILE A 198 -14.90 11.25 1.87
N SER A 199 -15.42 12.37 1.42
CA SER A 199 -16.77 12.39 0.90
C SER A 199 -16.77 12.02 -0.59
N GLU A 200 -15.62 11.62 -1.10
CA GLU A 200 -15.48 11.24 -2.50
C GLU A 200 -14.45 10.11 -2.55
N PRO A 201 -14.69 9.02 -1.79
CA PRO A 201 -13.76 7.90 -1.76
C PRO A 201 -13.43 7.19 -3.05
N ILE A 202 -14.39 7.08 -3.98
CA ILE A 202 -14.12 6.41 -5.25
C ILE A 202 -13.17 7.25 -6.10
N THR A 203 -13.49 8.53 -6.27
CA THR A 203 -12.65 9.44 -7.06
C THR A 203 -11.26 9.54 -6.43
N THR A 204 -11.21 9.63 -5.12
CA THR A 204 -9.93 9.72 -4.44
C THR A 204 -9.09 8.45 -4.65
N ALA A 205 -9.66 7.31 -4.31
CA ALA A 205 -8.96 6.04 -4.46
C ALA A 205 -8.56 5.72 -5.89
N THR A 206 -9.39 6.10 -6.86
CA THR A 206 -9.02 5.88 -8.27
C THR A 206 -7.76 6.70 -8.59
N ARG A 207 -7.62 7.85 -7.94
CA ARG A 207 -6.47 8.71 -8.14
C ARG A 207 -5.21 8.01 -7.61
N TRP A 208 -5.32 7.43 -6.42
CA TRP A 208 -4.20 6.71 -5.80
C TRP A 208 -3.81 5.54 -6.70
N ALA A 209 -4.80 4.86 -7.28
CA ALA A 209 -4.55 3.71 -8.18
C ALA A 209 -3.86 4.13 -9.47
N SER A 210 -4.30 5.24 -10.05
CA SER A 210 -3.71 5.73 -11.29
C SER A 210 -2.26 6.18 -11.09
N ASP A 211 -1.99 6.78 -9.93
CA ASP A 211 -0.64 7.27 -9.59
C ASP A 211 0.33 6.09 -9.51
N ALA A 212 -0.09 5.01 -8.86
CA ALA A 212 0.75 3.81 -8.76
C ALA A 212 0.81 3.02 -10.07
N ASN A 213 -0.31 2.92 -10.77
CA ASN A 213 -0.37 2.19 -12.04
C ASN A 213 0.56 2.77 -13.11
N ALA A 214 0.74 4.09 -13.10
CA ALA A 214 1.61 4.72 -14.09
C ALA A 214 3.05 4.23 -13.98
N LEU A 215 3.48 3.87 -12.77
CA LEU A 215 4.84 3.40 -12.55
C LEU A 215 5.10 2.04 -13.17
N VAL A 216 4.05 1.30 -13.54
CA VAL A 216 4.25 -0.01 -14.13
C VAL A 216 4.96 0.17 -15.47
N CYS A 217 4.51 1.16 -16.22
CA CYS A 217 5.07 1.47 -17.53
C CYS A 217 6.43 2.15 -17.53
N THR A 218 6.71 2.97 -16.54
CA THR A 218 7.97 3.69 -16.51
C THR A 218 9.05 3.11 -15.65
N VAL A 219 8.67 2.39 -14.59
CA VAL A 219 9.66 1.84 -13.67
C VAL A 219 9.65 0.34 -13.46
N VAL A 220 8.47 -0.25 -13.35
CA VAL A 220 8.41 -1.69 -13.07
C VAL A 220 8.85 -2.58 -14.22
N MET A 221 8.31 -2.37 -15.41
CA MET A 221 8.67 -3.19 -16.56
C MET A 221 8.66 -2.30 -17.81
N PRO A 222 9.50 -1.25 -17.81
CA PRO A 222 9.61 -0.30 -18.92
C PRO A 222 10.02 -0.90 -20.26
N HIS A 223 10.63 -2.09 -20.24
CA HIS A 223 11.03 -2.71 -21.49
C HIS A 223 10.47 -4.12 -21.70
N GLY A 224 9.29 -4.37 -21.12
CA GLY A 224 8.66 -5.68 -21.25
C GLY A 224 9.19 -6.65 -20.21
N ALA A 225 8.52 -7.79 -20.03
CA ALA A 225 8.95 -8.77 -19.04
C ALA A 225 10.12 -9.63 -19.45
N ALA A 226 10.24 -9.94 -20.73
CA ALA A 226 11.36 -10.76 -21.20
C ALA A 226 12.70 -10.15 -20.79
N ALA A 227 12.78 -8.81 -20.76
CA ALA A 227 14.00 -8.12 -20.34
C ALA A 227 14.37 -8.39 -18.88
N LEU A 228 13.38 -8.78 -18.06
CA LEU A 228 13.62 -9.05 -16.64
C LEU A 228 13.92 -10.51 -16.27
N GLN A 229 13.64 -11.43 -17.17
CA GLN A 229 13.84 -12.84 -16.91
C GLN A 229 15.13 -13.34 -17.48
N THR A 230 16.17 -12.52 -17.47
CA THR A 230 17.35 -13.00 -18.08
C THR A 230 18.68 -12.85 -17.36
N GLY A 231 18.72 -12.08 -16.28
CA GLY A 231 19.97 -12.01 -15.61
C GLY A 231 19.50 -11.96 -14.20
N ASP A 232 20.41 -11.67 -13.29
CA ASP A 232 20.01 -11.50 -11.93
C ASP A 232 19.55 -10.03 -11.87
N LEU A 233 18.49 -9.74 -11.13
CA LEU A 233 17.98 -8.38 -11.06
C LEU A 233 18.82 -7.49 -10.17
N TYR A 234 19.67 -8.09 -9.37
CA TYR A 234 20.55 -7.32 -8.49
C TYR A 234 21.90 -7.21 -9.22
N PRO A 235 22.56 -6.04 -9.18
CA PRO A 235 22.10 -4.77 -8.61
C PRO A 235 21.50 -3.78 -9.58
N THR A 236 21.61 -4.03 -10.87
CA THR A 236 21.11 -3.07 -11.86
C THR A 236 19.63 -2.71 -11.85
N TYR A 237 18.76 -3.72 -11.86
CA TYR A 237 17.31 -3.46 -11.81
C TYR A 237 16.96 -2.89 -10.43
N TYR A 238 17.56 -3.48 -9.39
CA TYR A 238 17.37 -3.06 -8.00
C TYR A 238 17.67 -1.59 -7.84
N ASP A 239 18.82 -1.18 -8.35
CA ASP A 239 19.22 0.22 -8.25
C ASP A 239 18.26 1.17 -8.93
N SER A 240 17.66 0.75 -10.05
CA SER A 240 16.74 1.61 -10.76
C SER A 240 15.34 1.71 -10.15
N VAL A 241 15.01 0.86 -9.19
CA VAL A 241 13.67 0.89 -8.59
C VAL A 241 13.56 1.17 -7.10
N ILE A 242 14.65 0.99 -6.37
CA ILE A 242 14.61 1.18 -4.93
C ILE A 242 14.15 2.56 -4.44
N ASP A 243 14.42 3.60 -5.23
CA ASP A 243 14.01 4.96 -4.86
C ASP A 243 12.50 5.10 -4.98
N THR A 244 11.93 4.39 -5.94
CA THR A 244 10.48 4.39 -6.15
C THR A 244 9.77 3.64 -5.01
N ILE A 245 10.38 2.56 -4.53
CA ILE A 245 9.78 1.80 -3.43
C ILE A 245 9.69 2.68 -2.19
N GLU A 246 10.76 3.41 -1.87
CA GLU A 246 10.73 4.28 -0.70
C GLU A 246 9.68 5.36 -0.86
N LEU A 247 9.62 5.95 -2.05
CA LEU A 247 8.65 6.97 -2.37
C LEU A 247 7.20 6.46 -2.20
N GLN A 248 6.92 5.23 -2.64
CA GLN A 248 5.57 4.67 -2.54
C GLN A 248 5.16 4.33 -1.10
N ILE A 249 6.11 3.89 -0.30
CA ILE A 249 5.85 3.57 1.11
C ILE A 249 5.54 4.90 1.82
N ALA A 250 6.29 5.96 1.50
CA ALA A 250 6.08 7.27 2.11
C ALA A 250 4.70 7.85 1.75
N LYS A 251 4.30 7.71 0.50
CA LYS A 251 2.98 8.21 0.07
C LYS A 251 1.85 7.50 0.84
N GLY A 252 1.96 6.18 0.98
CA GLY A 252 0.95 5.39 1.67
C GLY A 252 0.77 5.88 3.09
N GLY A 253 1.91 6.05 3.79
CA GLY A 253 1.90 6.54 5.16
C GLY A 253 1.27 7.91 5.30
N TYR A 254 1.67 8.85 4.43
CA TYR A 254 1.15 10.21 4.48
C TYR A 254 -0.35 10.27 4.17
N ARG A 255 -0.78 9.48 3.18
CA ARG A 255 -2.19 9.45 2.81
C ARG A 255 -3.06 8.84 3.89
N LEU A 256 -2.55 7.81 4.58
CA LEU A 256 -3.29 7.15 5.65
C LEU A 256 -3.50 8.13 6.81
N ALA A 257 -2.44 8.86 7.17
CA ALA A 257 -2.53 9.87 8.23
C ALA A 257 -3.62 10.89 7.93
N ASN A 258 -3.60 11.45 6.72
CA ASN A 258 -4.60 12.44 6.33
C ASN A 258 -6.03 11.89 6.27
N TRP A 259 -6.17 10.62 5.89
CA TRP A 259 -7.49 10.02 5.79
C TRP A 259 -8.09 9.91 7.18
N ILE A 260 -7.32 9.43 8.14
CA ILE A 260 -7.76 9.29 9.52
C ILE A 260 -8.12 10.67 10.11
N ASN A 261 -7.30 11.67 9.82
CA ASN A 261 -7.58 13.02 10.33
C ASN A 261 -8.90 13.56 9.79
N GLU A 262 -9.20 13.33 8.51
CA GLU A 262 -10.44 13.80 7.92
C GLU A 262 -11.67 13.11 8.51
N ILE A 263 -11.54 11.80 8.75
CA ILE A 263 -12.61 10.99 9.30
C ILE A 263 -12.91 11.45 10.71
N HIS A 264 -11.85 11.73 11.47
CA HIS A 264 -12.05 12.20 12.82
C HIS A 264 -12.64 13.61 12.89
#